data_4IAU
#
_entry.id   4IAU
#
_cell.length_a   24.170
_cell.length_b   61.302
_cell.length_c   50.175
_cell.angle_alpha   90.00
_cell.angle_beta   95.45
_cell.angle_gamma   90.00
#
_symmetry.space_group_name_H-M   'P 1 21 1'
#
loop_
_entity.id
_entity.type
_entity.pdbx_description
1 polymer Beta-gamma-crystallin
2 non-polymer 'CALCIUM ION'
3 non-polymer GLYCEROL
4 water water
#
_entity_poly.entity_id   1
_entity_poly.type   'polypeptide(L)'
_entity_poly.pdbx_seq_one_letter_code
;(MSE)STAKVTLVTSGGSSQDFTSEQTNITTDFARVRVTKG(MSE)WIFYQQANYNDASGGGSLWIKLDESSHL(MSE)D
LPFTPRSFRPVKTFQVGATLYKHVNFGGKELDLPNSNPRIDIGGVSSALISQGQWRLYEQYDYAGPSTRRGPGVYVNAGA
LGVANDALKS(MSE)EREF
;
_entity_poly.pdbx_strand_id   A
#
# COMPACT_ATOMS: atom_id res chain seq x y z
N SER A 2 2.33 -0.04 -19.62
CA SER A 2 2.43 0.09 -18.19
C SER A 2 1.06 -0.05 -17.58
N THR A 3 1.01 -0.73 -16.44
CA THR A 3 -0.22 -0.92 -15.70
C THR A 3 -0.46 0.14 -14.61
N ALA A 4 0.54 0.75 -14.09
CA ALA A 4 0.43 1.89 -13.16
C ALA A 4 1.38 2.97 -13.66
N LYS A 5 0.96 4.24 -13.50
CA LYS A 5 1.78 5.33 -14.01
C LYS A 5 1.48 6.59 -13.23
N VAL A 6 2.50 7.34 -12.89
CA VAL A 6 2.37 8.61 -12.20
C VAL A 6 3.38 9.61 -12.80
N THR A 7 2.93 10.84 -12.92
CA THR A 7 3.77 11.95 -13.29
C THR A 7 4.07 12.78 -12.03
N LEU A 8 5.34 13.10 -11.83
CA LEU A 8 5.80 13.92 -10.75
C LEU A 8 6.58 15.09 -11.31
N VAL A 9 6.38 16.27 -10.70
CA VAL A 9 6.96 17.52 -11.17
C VAL A 9 7.67 18.21 -10.01
N THR A 10 8.89 18.70 -10.27
CA THR A 10 9.66 19.44 -9.30
C THR A 10 9.13 20.86 -9.18
N SER A 11 9.56 21.55 -8.12
CA SER A 11 9.18 22.95 -7.95
C SER A 11 9.72 23.78 -9.12
N GLY A 12 10.84 23.37 -9.71
CA GLY A 12 11.41 24.10 -10.84
C GLY A 12 10.75 23.87 -12.15
N GLY A 13 9.82 22.91 -12.22
CA GLY A 13 9.09 22.61 -13.43
C GLY A 13 9.50 21.42 -14.22
N SER A 14 10.38 20.59 -13.74
CA SER A 14 10.86 19.41 -14.45
C SER A 14 9.99 18.22 -14.09
N SER A 15 9.69 17.38 -15.02
CA SER A 15 8.73 16.28 -14.85
C SER A 15 9.36 14.96 -15.19
N GLN A 16 8.86 13.92 -14.51
CA GLN A 16 9.25 12.55 -14.82
C GLN A 16 8.06 11.66 -14.56
N ASP A 17 7.93 10.61 -15.41
CA ASP A 17 6.91 9.61 -15.20
C ASP A 17 7.55 8.34 -14.64
N PHE A 18 6.77 7.65 -13.78
CA PHE A 18 7.18 6.42 -13.15
C PHE A 18 6.12 5.37 -13.35
N THR A 19 6.56 4.11 -13.50
CA THR A 19 5.67 2.98 -13.70
C THR A 19 5.98 1.85 -12.73
N SER A 20 6.90 2.04 -11.80
CA SER A 20 7.29 1.01 -10.86
C SER A 20 7.68 1.62 -9.54
N GLU A 21 7.83 0.79 -8.52
CA GLU A 21 8.13 1.25 -7.18
C GLU A 21 9.50 1.93 -7.11
N GLN A 22 9.59 2.95 -6.27
CA GLN A 22 10.79 3.71 -6.03
C GLN A 22 11.07 3.75 -4.54
N THR A 23 12.03 2.94 -4.07
CA THR A 23 12.38 2.86 -2.68
C THR A 23 13.14 4.08 -2.19
N ASN A 24 13.82 4.74 -3.12
CA ASN A 24 14.56 5.98 -2.88
C ASN A 24 14.33 6.85 -4.12
N ILE A 25 14.48 8.15 -3.97
CA ILE A 25 14.33 9.06 -5.11
C ILE A 25 15.28 10.22 -4.83
N THR A 26 16.18 10.53 -5.75
CA THR A 26 17.13 11.64 -5.49
C THR A 26 16.47 13.00 -5.66
N THR A 27 15.62 13.12 -6.67
CA THR A 27 14.95 14.33 -7.01
C THR A 27 13.87 14.65 -5.99
N ASP A 28 13.73 15.92 -5.64
CA ASP A 28 12.64 16.42 -4.79
C ASP A 28 11.48 16.82 -5.68
N PHE A 29 10.35 16.12 -5.56
CA PHE A 29 9.15 16.43 -6.30
C PHE A 29 8.14 17.18 -5.47
N ALA A 30 7.38 18.04 -6.11
CA ALA A 30 6.43 18.92 -5.44
C ALA A 30 4.97 18.69 -5.91
N ARG A 31 4.74 18.25 -7.12
CA ARG A 31 3.38 18.09 -7.67
C ARG A 31 3.27 16.72 -8.31
N VAL A 32 2.02 16.27 -8.40
CA VAL A 32 1.74 14.88 -8.79
C VAL A 32 0.48 14.80 -9.63
N ARG A 33 0.46 13.84 -10.55
CA ARG A 33 -0.74 13.40 -11.23
C ARG A 33 -0.62 11.89 -11.48
N VAL A 34 -1.43 11.10 -10.75
CA VAL A 34 -1.54 9.68 -11.06
C VAL A 34 -2.38 9.53 -12.32
N THR A 35 -1.80 8.94 -13.36
CA THR A 35 -2.53 8.75 -14.62
C THR A 35 -3.07 7.33 -14.77
N LYS A 36 -2.47 6.35 -14.12
CA LYS A 36 -2.98 4.98 -14.14
C LYS A 36 -2.70 4.34 -12.79
N GLY A 37 -3.72 3.70 -12.24
CA GLY A 37 -3.57 2.88 -11.05
C GLY A 37 -3.78 3.69 -9.78
N TRP A 39 -1.38 4.91 -6.21
CA TRP A 39 -0.04 5.04 -5.71
C TRP A 39 -0.03 5.53 -4.26
N ILE A 40 1.01 5.15 -3.53
CA ILE A 40 1.21 5.62 -2.17
C ILE A 40 2.57 6.29 -2.13
N PHE A 41 2.62 7.46 -1.50
CA PHE A 41 3.79 8.30 -1.34
C PHE A 41 4.14 8.40 0.13
N TYR A 42 5.45 8.42 0.44
CA TYR A 42 5.91 8.35 1.80
C TYR A 42 6.97 9.41 2.05
N GLN A 43 6.97 9.93 3.27
CA GLN A 43 7.93 10.96 3.67
C GLN A 43 9.34 10.42 3.80
N GLN A 44 9.50 9.15 4.19
CA GLN A 44 10.78 8.52 4.34
C GLN A 44 11.04 7.53 3.23
N ALA A 45 12.33 7.25 2.99
CA ALA A 45 12.73 6.16 2.08
C ALA A 45 12.19 4.84 2.57
N ASN A 46 12.17 3.87 1.65
CA ASN A 46 11.78 2.53 2.04
C ASN A 46 10.39 2.50 2.67
N TYR A 47 9.51 3.36 2.20
CA TYR A 47 8.09 3.27 2.51
C TYR A 47 7.86 3.42 4.00
N ASN A 48 8.50 4.44 4.60
CA ASN A 48 8.28 4.76 6.00
C ASN A 48 8.70 3.64 6.93
N ASP A 49 9.74 2.89 6.52
CA ASP A 49 10.18 1.80 7.40
C ASP A 49 10.69 2.29 8.75
N ALA A 50 11.52 3.35 8.75
CA ALA A 50 12.16 3.75 10.00
C ALA A 50 11.12 4.15 11.03
N SER A 51 10.07 4.85 10.60
CA SER A 51 9.01 5.29 11.47
C SER A 51 7.95 4.23 11.74
N GLY A 52 8.12 3.03 11.21
CA GLY A 52 7.10 2.01 11.38
C GLY A 52 5.75 2.47 10.87
N GLY A 53 5.75 3.24 9.76
CA GLY A 53 4.56 3.75 9.16
C GLY A 53 4.03 5.03 9.73
N GLY A 54 4.70 5.59 10.76
CA GLY A 54 4.18 6.73 11.44
C GLY A 54 4.53 8.08 10.84
N SER A 55 5.42 8.17 9.87
CA SER A 55 5.70 9.40 9.16
C SER A 55 4.54 9.69 8.19
N LEU A 56 4.68 10.81 7.47
CA LEU A 56 3.60 11.22 6.59
C LEU A 56 3.53 10.32 5.37
N TRP A 57 2.31 10.16 4.87
CA TRP A 57 1.99 9.34 3.74
C TRP A 57 0.76 9.85 3.08
N ILE A 58 0.57 9.50 1.79
CA ILE A 58 -0.67 9.82 1.12
C ILE A 58 -0.91 8.78 0.02
N LYS A 59 -2.14 8.32 -0.12
CA LYS A 59 -2.57 7.44 -1.16
C LYS A 59 -3.34 8.26 -2.20
N LEU A 60 -2.97 8.15 -3.45
CA LEU A 60 -3.59 8.88 -4.52
C LEU A 60 -4.07 7.99 -5.65
N ASP A 61 -5.29 8.36 -6.11
CA ASP A 61 -5.96 7.69 -7.20
C ASP A 61 -5.78 8.48 -8.49
N GLU A 62 -6.20 7.86 -9.58
CA GLU A 62 -6.17 8.49 -10.90
C GLU A 62 -6.77 9.87 -10.86
N SER A 63 -6.16 10.78 -11.57
CA SER A 63 -6.56 12.18 -11.64
C SER A 63 -6.32 12.75 -13.01
N SER A 64 -7.08 13.80 -13.31
CA SER A 64 -6.94 14.51 -14.58
C SER A 64 -6.09 15.76 -14.51
N HIS A 65 -5.52 16.06 -13.35
CA HIS A 65 -4.76 17.31 -13.23
C HIS A 65 -3.64 17.18 -12.23
N LEU A 66 -2.62 18.01 -12.42
CA LEU A 66 -1.52 18.12 -11.52
C LEU A 66 -1.89 18.90 -10.28
N ASP A 68 -0.47 19.81 -5.89
CA ASP A 68 0.57 19.74 -4.92
C ASP A 68 0.54 18.46 -4.11
N LEU A 69 1.70 17.92 -3.83
CA LEU A 69 1.91 16.90 -2.81
C LEU A 69 1.96 17.54 -1.44
N PRO A 70 1.60 16.81 -0.38
CA PRO A 70 1.59 17.38 0.97
C PRO A 70 2.99 17.46 1.62
N PHE A 71 3.97 16.76 1.07
CA PHE A 71 5.33 16.69 1.54
C PHE A 71 6.18 16.24 0.36
N THR A 72 7.49 16.39 0.51
CA THR A 72 8.42 15.91 -0.51
C THR A 72 8.58 14.41 -0.36
N PRO A 73 8.21 13.60 -1.34
CA PRO A 73 8.32 12.15 -1.14
C PRO A 73 9.79 11.72 -1.11
N ARG A 74 10.07 10.71 -0.28
CA ARG A 74 11.35 10.00 -0.34
C ARG A 74 11.19 8.58 -0.84
N SER A 75 9.98 8.10 -1.04
CA SER A 75 9.71 6.84 -1.69
C SER A 75 8.25 6.83 -2.10
N PHE A 76 7.90 5.93 -3.03
CA PHE A 76 6.53 5.83 -3.51
C PHE A 76 6.41 4.56 -4.30
N ARG A 77 5.17 4.03 -4.38
CA ARG A 77 4.98 2.76 -5.06
C ARG A 77 3.54 2.59 -5.48
N PRO A 78 3.30 1.81 -6.53
CA PRO A 78 1.95 1.49 -6.94
C PRO A 78 1.36 0.41 -6.03
N VAL A 79 0.02 0.36 -6.03
CA VAL A 79 -0.71 -0.68 -5.39
C VAL A 79 -1.03 -1.71 -6.48
N LYS A 80 -0.24 -2.78 -6.57
CA LYS A 80 -0.25 -3.60 -7.77
C LYS A 80 -1.45 -4.56 -7.81
N THR A 81 -2.21 -4.65 -6.74
CA THR A 81 -3.46 -5.40 -6.74
C THR A 81 -4.66 -4.53 -6.99
N PHE A 82 -4.48 -3.28 -7.38
CA PHE A 82 -5.60 -2.48 -7.86
C PHE A 82 -6.33 -3.29 -8.94
N GLN A 83 -7.63 -3.47 -8.79
CA GLN A 83 -8.47 -4.20 -9.75
C GLN A 83 -8.14 -5.69 -9.84
N VAL A 84 -7.48 -6.21 -8.84
CA VAL A 84 -7.08 -7.62 -8.87
C VAL A 84 -7.33 -8.28 -7.55
N GLY A 85 -7.03 -7.68 -6.42
CA GLY A 85 -7.10 -8.40 -5.14
C GLY A 85 -6.77 -7.49 -3.99
N ALA A 86 -5.83 -7.87 -3.15
CA ALA A 86 -5.52 -7.15 -1.92
C ALA A 86 -3.99 -7.08 -1.78
N THR A 87 -3.53 -6.02 -1.09
CA THR A 87 -2.11 -5.91 -0.71
C THR A 87 -2.06 -5.68 0.80
N LEU A 88 -1.14 -6.41 1.45
CA LEU A 88 -0.88 -6.35 2.87
C LEU A 88 0.44 -5.60 3.13
N TYR A 89 0.52 -4.92 4.26
CA TYR A 89 1.69 -4.10 4.59
C TYR A 89 2.14 -4.37 6.01
N LYS A 90 3.46 -4.36 6.20
CA LYS A 90 4.04 -4.64 7.51
C LYS A 90 3.71 -3.56 8.52
N HIS A 91 3.64 -2.29 8.13
CA HIS A 91 3.40 -1.19 9.06
C HIS A 91 2.00 -0.62 8.87
N VAL A 92 1.54 0.06 9.90
CA VAL A 92 0.33 0.87 9.76
C VAL A 92 0.54 1.85 8.59
N ASN A 93 -0.58 2.36 8.07
CA ASN A 93 -0.52 3.41 7.06
C ASN A 93 0.29 2.96 5.83
N PHE A 94 0.16 1.67 5.53
CA PHE A 94 0.67 1.11 4.29
C PHE A 94 2.17 1.19 4.20
N GLY A 95 2.88 1.19 5.33
CA GLY A 95 4.30 1.27 5.31
C GLY A 95 4.99 -0.08 5.28
N GLY A 96 6.29 -0.02 4.91
CA GLY A 96 7.16 -1.19 5.02
C GLY A 96 6.90 -2.24 3.97
N LYS A 97 7.39 -3.46 4.26
CA LYS A 97 7.30 -4.58 3.33
C LYS A 97 5.86 -4.82 2.96
N GLU A 98 5.61 -5.03 1.66
CA GLU A 98 4.28 -5.33 1.17
C GLU A 98 4.24 -6.77 0.63
N LEU A 99 3.02 -7.27 0.52
CA LEU A 99 2.73 -8.59 -0.02
C LEU A 99 1.43 -8.51 -0.80
N ASP A 100 1.48 -8.84 -2.10
CA ASP A 100 0.34 -8.86 -2.96
C ASP A 100 -0.39 -10.21 -2.88
N LEU A 101 -1.73 -10.13 -2.75
CA LEU A 101 -2.63 -11.25 -2.75
C LEU A 101 -3.61 -11.13 -3.90
N PRO A 102 -3.26 -11.72 -5.06
CA PRO A 102 -4.29 -11.85 -6.13
C PRO A 102 -5.36 -12.89 -5.77
N ASN A 103 -5.01 -13.80 -4.89
CA ASN A 103 -5.88 -14.91 -4.54
C ASN A 103 -5.56 -15.30 -3.08
N SER A 104 -6.21 -16.36 -2.60
CA SER A 104 -5.96 -16.84 -1.27
C SER A 104 -4.51 -17.06 -0.98
N ASN A 105 -4.13 -16.83 0.28
CA ASN A 105 -2.76 -17.09 0.73
C ASN A 105 -2.83 -17.79 2.05
N PRO A 106 -2.37 -19.04 2.16
CA PRO A 106 -2.46 -19.79 3.38
C PRO A 106 -1.38 -19.51 4.41
N ARG A 107 -0.39 -18.72 4.03
CA ARG A 107 0.76 -18.57 4.94
C ARG A 107 1.45 -17.24 4.64
N ILE A 108 1.04 -16.23 5.39
CA ILE A 108 1.54 -14.86 5.29
C ILE A 108 2.64 -14.67 6.30
N ASP A 109 3.80 -14.21 5.87
CA ASP A 109 4.98 -14.08 6.68
C ASP A 109 5.78 -12.82 6.26
N ILE A 110 5.37 -11.63 6.65
CA ILE A 110 6.02 -10.35 6.29
C ILE A 110 6.56 -9.63 7.53
N GLY A 111 6.64 -10.30 8.66
CA GLY A 111 7.13 -9.65 9.87
C GLY A 111 6.02 -8.98 10.63
N GLY A 112 4.79 -9.33 10.35
CA GLY A 112 3.64 -8.88 11.15
C GLY A 112 2.82 -7.85 10.37
N VAL A 113 1.66 -8.27 9.90
CA VAL A 113 0.79 -7.41 9.10
C VAL A 113 0.16 -6.35 9.98
N SER A 114 0.20 -5.09 9.54
CA SER A 114 -0.44 -4.01 10.24
C SER A 114 -1.39 -3.12 9.42
N SER A 115 -1.50 -3.28 8.12
CA SER A 115 -2.49 -2.55 7.34
C SER A 115 -2.71 -3.28 6.02
N ALA A 116 -3.77 -2.86 5.28
CA ALA A 116 -4.11 -3.53 4.04
C ALA A 116 -4.96 -2.62 3.16
N LEU A 117 -4.81 -2.81 1.85
CA LEU A 117 -5.69 -2.24 0.86
C LEU A 117 -6.36 -3.39 0.11
N ILE A 118 -7.71 -3.45 0.19
CA ILE A 118 -8.43 -4.48 -0.54
C ILE A 118 -9.12 -3.78 -1.71
N SER A 119 -8.69 -4.09 -2.92
CA SER A 119 -9.30 -3.51 -4.11
C SER A 119 -10.43 -4.36 -4.66
N GLN A 120 -10.30 -5.68 -4.60
CA GLN A 120 -11.27 -6.56 -5.21
C GLN A 120 -11.40 -7.80 -4.35
N GLY A 121 -12.63 -8.35 -4.31
CA GLY A 121 -12.90 -9.60 -3.66
C GLY A 121 -13.43 -9.46 -2.23
N GLN A 122 -14.08 -10.57 -1.83
CA GLN A 122 -14.47 -10.78 -0.46
C GLN A 122 -13.50 -11.81 0.14
N TRP A 123 -13.04 -11.54 1.37
CA TRP A 123 -11.97 -12.34 1.95
C TRP A 123 -12.31 -12.70 3.40
N ARG A 124 -11.78 -13.82 3.83
CA ARG A 124 -11.82 -14.21 5.24
C ARG A 124 -10.40 -14.19 5.77
N LEU A 125 -10.24 -13.53 6.92
CA LEU A 125 -8.96 -13.24 7.52
C LEU A 125 -8.82 -14.06 8.81
N TYR A 126 -7.68 -14.74 8.93
CA TYR A 126 -7.39 -15.69 10.00
C TYR A 126 -6.11 -15.36 10.71
N GLU A 127 -6.05 -15.66 12.01
CA GLU A 127 -4.89 -15.45 12.87
C GLU A 127 -4.12 -16.78 13.07
N GLN A 128 -4.41 -17.77 12.24
CA GLN A 128 -3.64 -18.99 12.12
C GLN A 128 -3.37 -19.26 10.67
N TYR A 129 -2.33 -20.03 10.35
CA TYR A 129 -2.06 -20.40 8.99
C TYR A 129 -3.17 -21.31 8.46
N ASP A 130 -3.29 -21.35 7.13
CA ASP A 130 -4.06 -22.35 6.43
C ASP A 130 -5.52 -22.37 6.84
N TYR A 131 -6.06 -21.17 7.14
CA TYR A 131 -7.50 -20.99 7.27
C TYR A 131 -8.06 -21.74 8.46
N ALA A 132 -7.25 -21.88 9.51
CA ALA A 132 -7.66 -22.45 10.78
C ALA A 132 -8.15 -21.37 11.74
N GLY A 133 -9.06 -21.78 12.63
CA GLY A 133 -9.53 -20.87 13.64
C GLY A 133 -10.61 -19.92 13.18
N PRO A 134 -10.95 -18.96 14.03
CA PRO A 134 -11.99 -17.96 13.68
C PRO A 134 -11.49 -17.00 12.59
N SER A 135 -12.46 -16.43 11.88
CA SER A 135 -12.14 -15.48 10.83
C SER A 135 -13.11 -14.33 10.80
N THR A 136 -12.67 -13.23 10.20
CA THR A 136 -13.46 -12.09 9.92
C THR A 136 -13.54 -11.90 8.40
N ARG A 137 -14.66 -11.37 7.91
CA ARG A 137 -14.86 -11.09 6.52
C ARG A 137 -14.55 -9.63 6.22
N ARG A 138 -13.80 -9.41 5.15
CA ARG A 138 -13.55 -8.05 4.65
C ARG A 138 -13.61 -8.05 3.14
N GLY A 139 -14.24 -7.00 2.61
CA GLY A 139 -14.27 -6.72 1.19
C GLY A 139 -13.48 -5.46 0.88
N PRO A 140 -13.68 -4.92 -0.30
CA PRO A 140 -12.92 -3.75 -0.73
C PRO A 140 -12.97 -2.63 0.28
N GLY A 141 -11.82 -2.01 0.51
CA GLY A 141 -11.72 -0.94 1.45
C GLY A 141 -10.26 -0.59 1.73
N VAL A 142 -10.15 0.45 2.55
CA VAL A 142 -8.87 1.02 3.00
C VAL A 142 -8.75 0.75 4.50
N TYR A 143 -7.73 0.01 4.92
CA TYR A 143 -7.62 -0.48 6.29
C TYR A 143 -6.26 -0.04 6.86
N VAL A 144 -6.21 1.13 7.50
CA VAL A 144 -4.96 1.73 7.86
C VAL A 144 -4.28 1.10 9.08
N ASN A 145 -4.99 0.24 9.80
CA ASN A 145 -4.41 -0.47 10.93
C ASN A 145 -5.08 -1.85 10.98
N ALA A 146 -4.53 -2.71 11.85
CA ALA A 146 -4.99 -4.09 11.92
C ALA A 146 -6.41 -4.19 12.49
N GLY A 147 -6.71 -3.32 13.46
CA GLY A 147 -8.05 -3.40 14.05
C GLY A 147 -9.11 -3.18 13.02
N ALA A 148 -8.92 -2.27 12.08
CA ALA A 148 -9.87 -2.09 11.02
C ALA A 148 -10.17 -3.37 10.23
N LEU A 149 -9.17 -4.27 10.07
CA LEU A 149 -9.31 -5.61 9.45
C LEU A 149 -9.97 -6.66 10.32
N GLY A 150 -10.17 -6.42 11.57
CA GLY A 150 -10.76 -7.39 12.46
C GLY A 150 -9.73 -8.31 13.01
N VAL A 151 -8.43 -7.96 12.99
CA VAL A 151 -7.41 -8.85 13.54
C VAL A 151 -6.53 -8.07 14.51
N ALA A 152 -5.88 -8.81 15.38
CA ALA A 152 -4.87 -8.20 16.23
C ALA A 152 -3.68 -7.75 15.37
N ASN A 153 -3.00 -6.74 15.89
CA ASN A 153 -1.80 -6.29 15.20
C ASN A 153 -0.80 -7.44 15.09
N ASP A 154 -0.15 -7.55 13.94
CA ASP A 154 0.88 -8.54 13.67
C ASP A 154 0.36 -9.98 13.70
N ALA A 155 -0.89 -10.22 13.69
CA ALA A 155 -1.47 -11.55 13.83
C ALA A 155 -2.01 -12.20 12.58
N LEU A 156 -2.25 -11.46 11.51
CA LEU A 156 -2.85 -12.05 10.32
C LEU A 156 -1.90 -13.08 9.73
N LYS A 157 -2.35 -14.32 9.58
CA LYS A 157 -1.55 -15.41 9.10
C LYS A 157 -2.05 -16.07 7.85
N SER A 158 -3.33 -16.00 7.52
CA SER A 158 -3.83 -16.51 6.27
C SER A 158 -5.06 -15.72 5.87
N GLU A 160 -8.27 -15.96 2.88
CA GLU A 160 -8.89 -16.79 1.88
C GLU A 160 -9.84 -15.92 1.06
N ARG A 161 -9.76 -16.01 -0.26
CA ARG A 161 -10.68 -15.29 -1.13
C ARG A 161 -11.91 -16.13 -1.31
N GLU A 162 -13.06 -15.54 -1.09
CA GLU A 162 -14.35 -16.22 -1.26
C GLU A 162 -14.73 -16.17 -2.70
#